data_8T8X
#
_entry.id   8T8X
#
_cell.length_a   63.489
_cell.length_b   103.417
_cell.length_c   102.669
_cell.angle_alpha   90.00
_cell.angle_beta   90.00
_cell.angle_gamma   90.00
#
_symmetry.space_group_name_H-M   'C 2 2 21'
#
loop_
_entity.id
_entity.type
_entity.pdbx_description
1 polymer Kinase
2 non-polymer 'PHOSPHOAMINOPHOSPHONIC ACID-ADENYLATE ESTER'
3 non-polymer 'CADMIUM ION'
4 non-polymer 'PHOSPHATE ION'
5 water water
#
_entity_poly.entity_id   1
_entity_poly.type   'polypeptide(L)'
_entity_poly.pdbx_seq_one_letter_code
;DITNMSNIDLQSSKSVADEVIADIAEIVNKESIRIFPRIAGRSYIIYGQTSGIICKRMEKSDNEFVIYNYISEHYDKFLK
KYVPKLYGKNNDMLLLEDLTYNYNNPNVMDVKIGARKRKSHTSGFFSIRGYTNSHDYKFDPDEYLTSESTINHIKNFMEA
GGENRDKTKQVLLKWIMKLSELANDLFEINLKFDGVSLIFIYDDDCSKCDVNVVDFSRVKLIDTNDQMTISAVTNLIKIL
SELADNPLN
;
_entity_poly.pdbx_strand_id   A
#
# COMPACT_ATOMS: atom_id res chain seq x y z
N SER A 32 -11.60 -23.53 -10.85
CA SER A 32 -12.74 -23.32 -9.91
C SER A 32 -12.54 -21.99 -9.17
N ILE A 33 -11.82 -22.01 -8.04
CA ILE A 33 -11.49 -20.83 -7.19
C ILE A 33 -10.01 -20.91 -6.80
N ARG A 34 -9.21 -19.95 -7.27
CA ARG A 34 -7.78 -19.76 -6.89
C ARG A 34 -7.73 -18.58 -5.90
N ILE A 35 -7.40 -18.85 -4.64
CA ILE A 35 -7.32 -17.80 -3.58
C ILE A 35 -6.04 -16.96 -3.82
N PHE A 36 -6.14 -15.65 -3.61
CA PHE A 36 -5.07 -14.66 -3.90
C PHE A 36 -4.04 -14.64 -2.77
N PRO A 37 -2.72 -14.63 -3.12
CA PRO A 37 -1.65 -14.49 -2.11
C PRO A 37 -1.61 -13.10 -1.46
N ARG A 38 -2.59 -12.78 -0.62
CA ARG A 38 -2.57 -11.56 0.22
C ARG A 38 -1.23 -11.52 0.94
N ILE A 39 -0.68 -10.34 1.19
CA ILE A 39 0.54 -10.18 2.02
C ILE A 39 0.08 -9.91 3.48
N ALA A 40 -1.14 -9.40 3.67
CA ALA A 40 -1.70 -9.04 5.00
C ALA A 40 -3.23 -8.95 4.94
N GLY A 41 -3.84 -8.41 5.99
CA GLY A 41 -5.29 -8.21 6.11
C GLY A 41 -6.00 -9.52 6.37
N ARG A 42 -7.33 -9.49 6.52
CA ARG A 42 -8.18 -10.67 6.88
C ARG A 42 -9.07 -11.09 5.70
N SER A 43 -9.32 -10.21 4.72
CA SER A 43 -10.42 -10.30 3.71
C SER A 43 -10.25 -11.53 2.79
N TYR A 44 -11.39 -12.06 2.35
CA TYR A 44 -11.50 -13.03 1.23
C TYR A 44 -11.20 -12.29 -0.08
N ILE A 45 -10.02 -12.57 -0.65
CA ILE A 45 -9.58 -12.03 -1.96
C ILE A 45 -9.18 -13.22 -2.82
N ILE A 46 -9.69 -13.26 -4.05
CA ILE A 46 -9.49 -14.39 -5.00
C ILE A 46 -9.04 -13.79 -6.33
N TYR A 47 -8.26 -14.55 -7.10
CA TYR A 47 -8.03 -14.26 -8.54
C TYR A 47 -9.39 -14.17 -9.24
N GLY A 48 -9.54 -13.22 -10.16
CA GLY A 48 -10.70 -13.19 -11.06
C GLY A 48 -10.69 -14.43 -11.96
N GLN A 49 -11.83 -14.73 -12.58
CA GLN A 49 -11.91 -15.77 -13.65
C GLN A 49 -11.03 -15.33 -14.83
N THR A 50 -10.69 -14.03 -14.95
CA THR A 50 -9.89 -13.47 -16.07
C THR A 50 -8.63 -12.73 -15.59
N SER A 51 -7.61 -12.67 -16.45
CA SER A 51 -6.29 -12.00 -16.25
C SER A 51 -6.47 -10.56 -15.77
N GLY A 52 -5.59 -10.14 -14.84
CA GLY A 52 -5.37 -8.75 -14.39
C GLY A 52 -6.34 -8.32 -13.29
N ILE A 53 -7.12 -9.27 -12.77
CA ILE A 53 -8.22 -8.94 -11.83
C ILE A 53 -8.11 -9.82 -10.58
N ILE A 54 -8.36 -9.18 -9.45
CA ILE A 54 -8.68 -9.85 -8.16
C ILE A 54 -10.07 -9.39 -7.74
N CYS A 55 -10.81 -10.27 -7.08
CA CYS A 55 -12.10 -9.97 -6.44
C CYS A 55 -11.89 -9.93 -4.93
N LYS A 56 -12.15 -8.77 -4.32
CA LYS A 56 -12.19 -8.58 -2.86
C LYS A 56 -13.66 -8.55 -2.41
N ARG A 57 -14.03 -9.48 -1.54
CA ARG A 57 -15.31 -9.45 -0.79
C ARG A 57 -15.27 -8.27 0.18
N MET A 58 -16.34 -7.47 0.20
CA MET A 58 -16.65 -6.50 1.27
C MET A 58 -17.42 -7.24 2.37
N GLU A 59 -16.83 -7.43 3.56
CA GLU A 59 -17.38 -8.34 4.61
C GLU A 59 -18.43 -7.59 5.44
N LYS A 60 -18.17 -6.33 5.80
CA LYS A 60 -18.85 -5.58 6.88
C LYS A 60 -19.89 -4.67 6.27
N SER A 61 -19.52 -3.91 5.24
CA SER A 61 -20.45 -3.00 4.51
C SER A 61 -19.95 -2.75 3.08
N ASP A 62 -20.68 -1.94 2.34
CA ASP A 62 -20.32 -1.50 0.97
C ASP A 62 -19.54 -0.16 1.03
N ASN A 63 -19.04 0.25 2.20
CA ASN A 63 -18.37 1.57 2.37
C ASN A 63 -17.17 1.68 1.42
N GLU A 64 -16.41 0.62 1.16
CA GLU A 64 -15.26 0.69 0.22
C GLU A 64 -15.78 1.14 -1.17
N PHE A 65 -16.93 0.61 -1.61
CA PHE A 65 -17.55 0.91 -2.92
C PHE A 65 -18.09 2.35 -2.95
N VAL A 66 -18.83 2.75 -1.91
CA VAL A 66 -19.32 4.14 -1.76
C VAL A 66 -18.13 5.11 -1.86
N ILE A 67 -17.01 4.79 -1.22
CA ILE A 67 -15.82 5.70 -1.18
C ILE A 67 -15.14 5.73 -2.56
N TYR A 68 -14.94 4.58 -3.20
CA TYR A 68 -14.38 4.56 -4.58
C TYR A 68 -15.16 5.54 -5.46
N ASN A 69 -16.49 5.45 -5.42
CA ASN A 69 -17.42 6.22 -6.27
C ASN A 69 -17.39 7.69 -5.83
N TYR A 70 -17.25 7.98 -4.53
CA TYR A 70 -17.07 9.37 -4.05
C TYR A 70 -15.78 9.96 -4.60
N ILE A 71 -14.69 9.21 -4.49
CA ILE A 71 -13.35 9.70 -4.93
C ILE A 71 -13.42 9.89 -6.43
N SER A 72 -14.05 8.96 -7.13
CA SER A 72 -14.26 9.02 -8.60
C SER A 72 -14.91 10.35 -9.00
N GLU A 73 -15.98 10.78 -8.32
CA GLU A 73 -16.76 11.99 -8.64
C GLU A 73 -16.04 13.28 -8.21
N HIS A 74 -15.26 13.30 -7.12
CA HIS A 74 -14.74 14.54 -6.49
C HIS A 74 -13.21 14.70 -6.62
N TYR A 75 -12.49 13.67 -7.03
CA TYR A 75 -11.01 13.61 -7.00
C TYR A 75 -10.52 12.56 -7.99
N ASP A 76 -10.99 12.56 -9.25
N ASP A 76 -10.97 12.67 -9.25
CA ASP A 76 -10.68 11.44 -10.18
CA ASP A 76 -10.74 11.67 -10.33
C ASP A 76 -9.17 11.38 -10.41
C ASP A 76 -9.24 11.45 -10.51
N LYS A 77 -8.47 12.51 -10.30
CA LYS A 77 -7.01 12.57 -10.58
C LYS A 77 -6.27 11.72 -9.55
N PHE A 78 -6.74 11.76 -8.30
CA PHE A 78 -6.17 10.99 -7.15
C PHE A 78 -6.33 9.49 -7.43
N LEU A 79 -7.52 9.13 -7.91
CA LEU A 79 -7.87 7.75 -8.28
C LEU A 79 -6.96 7.27 -9.40
N LYS A 80 -6.83 8.07 -10.45
CA LYS A 80 -6.03 7.71 -11.65
C LYS A 80 -4.61 7.41 -11.23
N LYS A 81 -4.00 8.25 -10.39
CA LYS A 81 -2.54 8.23 -10.15
C LYS A 81 -2.17 7.17 -9.10
N TYR A 82 -2.99 6.97 -8.06
CA TYR A 82 -2.60 6.29 -6.80
C TYR A 82 -3.41 5.03 -6.48
N VAL A 83 -4.66 4.92 -6.92
CA VAL A 83 -5.59 3.83 -6.51
C VAL A 83 -5.70 2.80 -7.63
N PRO A 84 -5.76 1.49 -7.30
CA PRO A 84 -5.95 0.48 -8.32
C PRO A 84 -7.33 0.69 -8.94
N LYS A 85 -7.50 0.35 -10.22
CA LYS A 85 -8.78 0.55 -10.95
C LYS A 85 -9.85 -0.37 -10.35
N LEU A 86 -11.01 0.19 -10.09
CA LEU A 86 -12.25 -0.55 -9.76
C LEU A 86 -12.97 -0.75 -11.10
N TYR A 87 -13.12 -2.00 -11.51
CA TYR A 87 -13.71 -2.37 -12.82
C TYR A 87 -15.21 -2.54 -12.67
N GLY A 88 -15.65 -3.08 -11.53
CA GLY A 88 -17.06 -3.07 -11.15
C GLY A 88 -17.31 -3.87 -9.88
N LYS A 89 -18.58 -4.21 -9.66
CA LYS A 89 -19.04 -4.93 -8.46
C LYS A 89 -19.86 -6.14 -8.90
N ASN A 90 -19.70 -7.24 -8.22
CA ASN A 90 -20.46 -8.46 -8.45
C ASN A 90 -20.93 -8.89 -7.10
N ASN A 91 -22.15 -8.53 -6.76
CA ASN A 91 -22.75 -8.78 -5.46
C ASN A 91 -21.91 -8.08 -4.43
N ASP A 92 -21.29 -8.83 -3.56
CA ASP A 92 -20.44 -8.26 -2.55
C ASP A 92 -18.98 -8.20 -2.93
N MET A 93 -18.64 -8.48 -4.17
CA MET A 93 -17.27 -8.46 -4.58
C MET A 93 -16.92 -7.29 -5.45
N LEU A 94 -15.72 -6.78 -5.26
CA LEU A 94 -15.19 -5.69 -6.05
C LEU A 94 -14.19 -6.26 -7.01
N LEU A 95 -14.35 -5.95 -8.27
CA LEU A 95 -13.44 -6.40 -9.36
C LEU A 95 -12.37 -5.31 -9.51
N LEU A 96 -11.17 -5.60 -9.05
CA LEU A 96 -10.11 -4.59 -8.81
C LEU A 96 -8.90 -4.96 -9.66
N GLU A 97 -8.13 -3.96 -10.07
CA GLU A 97 -6.87 -4.16 -10.81
C GLU A 97 -5.90 -4.93 -9.91
N ASP A 98 -5.39 -6.07 -10.39
CA ASP A 98 -4.30 -6.81 -9.69
C ASP A 98 -3.02 -6.01 -9.89
N LEU A 99 -2.53 -5.38 -8.82
CA LEU A 99 -1.26 -4.60 -8.78
C LEU A 99 -0.03 -5.44 -9.09
N THR A 100 -0.07 -6.76 -8.93
CA THR A 100 1.11 -7.64 -9.07
C THR A 100 1.10 -8.24 -10.48
N TYR A 101 0.08 -7.92 -11.28
CA TYR A 101 -0.14 -8.64 -12.54
C TYR A 101 1.06 -8.48 -13.48
N ASN A 102 1.56 -7.27 -13.68
CA ASN A 102 2.57 -7.04 -14.76
C ASN A 102 3.98 -7.48 -14.34
N TYR A 103 4.14 -8.32 -13.35
CA TYR A 103 5.44 -8.64 -12.80
C TYR A 103 5.82 -10.07 -12.81
N ASN A 104 7.06 -10.36 -13.17
CA ASN A 104 7.57 -11.70 -13.14
C ASN A 104 7.70 -12.30 -11.76
N ASN A 105 8.23 -11.56 -10.81
CA ASN A 105 8.38 -12.03 -9.45
C ASN A 105 8.17 -10.88 -8.53
N PRO A 106 6.95 -10.56 -8.20
CA PRO A 106 6.74 -9.42 -7.35
C PRO A 106 7.15 -9.57 -5.91
N ASN A 107 7.65 -8.50 -5.36
CA ASN A 107 7.95 -8.47 -3.97
C ASN A 107 7.04 -7.40 -3.50
N VAL A 108 6.23 -7.72 -2.52
CA VAL A 108 5.21 -6.83 -2.02
C VAL A 108 5.31 -6.51 -0.55
N MET A 109 5.08 -5.26 -0.21
CA MET A 109 5.05 -4.82 1.21
C MET A 109 3.79 -3.99 1.48
N ASP A 110 3.04 -4.33 2.54
CA ASP A 110 1.79 -3.63 2.90
C ASP A 110 2.17 -2.78 4.09
N VAL A 111 2.00 -1.46 4.01
CA VAL A 111 2.24 -0.53 5.15
C VAL A 111 0.93 0.21 5.40
N LYS A 112 0.35 0.05 6.57
CA LYS A 112 -0.84 0.85 6.97
C LYS A 112 -0.34 2.25 7.30
N ILE A 113 -0.88 3.26 6.63
CA ILE A 113 -0.47 4.68 6.78
C ILE A 113 -1.64 5.46 7.39
N GLY A 114 -2.87 5.01 7.21
CA GLY A 114 -4.02 5.57 7.92
C GLY A 114 -4.14 5.01 9.32
N ALA A 115 -4.98 5.62 10.16
CA ALA A 115 -5.16 5.28 11.59
C ALA A 115 -5.70 3.85 11.73
N ARG A 116 -5.20 3.11 12.71
CA ARG A 116 -5.68 1.77 13.10
C ARG A 116 -6.98 1.91 13.89
N LYS A 117 -7.82 0.88 13.98
CA LYS A 117 -9.16 0.99 14.62
C LYS A 117 -8.99 1.49 16.05
N ARG A 118 -8.28 0.71 16.86
CA ARG A 118 -7.62 1.12 18.12
C ARG A 118 -6.34 0.30 18.14
N LYS A 119 -5.29 0.81 18.78
CA LYS A 119 -3.89 0.31 18.66
C LYS A 119 -3.08 1.42 17.98
N SER A 120 -2.05 1.89 18.67
CA SER A 120 -1.00 2.75 18.10
C SER A 120 -0.27 2.00 16.97
N HIS A 121 0.48 2.73 16.15
CA HIS A 121 1.25 2.18 15.01
C HIS A 121 2.51 1.47 15.52
N THR A 122 2.83 0.31 14.94
CA THR A 122 4.03 -0.47 15.34
C THR A 122 5.34 0.27 15.03
N SER A 123 5.35 1.35 14.21
CA SER A 123 6.58 2.10 13.82
C SER A 123 6.31 3.61 13.87
N GLY A 124 5.43 4.03 14.78
CA GLY A 124 5.25 5.45 15.13
C GLY A 124 4.15 6.08 14.32
N PHE A 125 4.43 6.36 13.04
CA PHE A 125 3.51 7.11 12.14
C PHE A 125 2.84 6.18 11.14
N PHE A 126 3.22 4.90 11.12
CA PHE A 126 2.73 3.86 10.19
C PHE A 126 3.06 2.47 10.75
N SER A 127 2.49 1.42 10.16
CA SER A 127 2.69 0.00 10.57
C SER A 127 2.88 -0.89 9.34
N ILE A 128 4.05 -1.51 9.21
CA ILE A 128 4.28 -2.59 8.21
C ILE A 128 3.40 -3.75 8.64
N ARG A 129 2.39 -4.08 7.84
CA ARG A 129 1.48 -5.21 8.09
C ARG A 129 2.15 -6.47 7.59
N GLY A 130 3.07 -6.35 6.64
CA GLY A 130 3.75 -7.56 6.13
C GLY A 130 4.55 -7.32 4.87
N TYR A 131 5.32 -8.33 4.46
CA TYR A 131 6.06 -8.29 3.18
C TYR A 131 6.46 -9.69 2.74
N THR A 132 6.78 -9.84 1.46
CA THR A 132 7.24 -11.10 0.82
C THR A 132 8.48 -11.60 1.56
N ASN A 133 8.42 -12.83 2.06
CA ASN A 133 9.50 -13.56 2.77
C ASN A 133 9.66 -12.99 4.19
N SER A 134 8.64 -12.36 4.77
CA SER A 134 8.78 -11.74 6.12
C SER A 134 9.02 -12.84 7.16
N HIS A 135 8.40 -14.00 7.00
CA HIS A 135 8.60 -15.18 7.91
C HIS A 135 10.12 -15.44 8.07
N ASP A 136 10.89 -15.39 6.97
CA ASP A 136 12.34 -15.70 6.89
C ASP A 136 13.21 -14.73 7.72
N TYR A 137 12.67 -13.59 8.14
CA TYR A 137 13.35 -12.60 9.02
C TYR A 137 12.61 -12.49 10.34
N LYS A 138 11.78 -13.49 10.66
CA LYS A 138 11.06 -13.56 11.96
C LYS A 138 10.39 -12.20 12.23
N PHE A 139 9.82 -11.59 11.19
CA PHE A 139 8.86 -10.46 11.27
C PHE A 139 7.55 -10.91 11.95
N ASP A 140 7.08 -10.13 12.91
CA ASP A 140 5.79 -10.28 13.61
C ASP A 140 5.04 -8.97 13.49
N PRO A 141 3.86 -8.94 12.85
CA PRO A 141 3.06 -7.71 12.78
C PRO A 141 2.55 -7.10 14.10
N ASP A 142 2.64 -7.78 15.22
CA ASP A 142 2.17 -7.22 16.53
C ASP A 142 3.32 -6.53 17.26
N GLU A 143 4.58 -6.89 16.97
CA GLU A 143 5.79 -6.30 17.59
C GLU A 143 5.88 -4.81 17.28
N TYR A 144 5.90 -3.98 18.31
CA TYR A 144 6.25 -2.53 18.24
C TYR A 144 7.76 -2.43 17.98
N LEU A 145 8.17 -1.49 17.11
CA LEU A 145 9.53 -1.46 16.52
C LEU A 145 10.19 -0.11 16.80
N THR A 146 11.48 -0.14 17.14
CA THR A 146 12.34 1.06 17.14
C THR A 146 12.53 1.48 15.69
N SER A 147 13.01 2.71 15.48
CA SER A 147 13.39 3.27 14.16
C SER A 147 14.43 2.38 13.48
N GLU A 148 15.22 1.67 14.27
CA GLU A 148 16.29 0.76 13.79
C GLU A 148 15.66 -0.48 13.14
N SER A 149 14.73 -1.15 13.86
CA SER A 149 14.04 -2.39 13.42
C SER A 149 13.21 -2.10 12.17
N THR A 150 12.39 -1.06 12.23
CA THR A 150 11.62 -0.50 11.09
C THR A 150 12.48 -0.43 9.82
N ILE A 151 13.63 0.24 9.88
CA ILE A 151 14.56 0.44 8.73
C ILE A 151 15.05 -0.93 8.27
N ASN A 152 15.42 -1.81 9.19
CA ASN A 152 16.00 -3.12 8.82
C ASN A 152 14.94 -3.95 8.11
N HIS A 153 13.68 -3.87 8.55
CA HIS A 153 12.57 -4.64 7.96
C HIS A 153 12.34 -4.16 6.53
N ILE A 154 12.38 -2.85 6.30
CA ILE A 154 12.36 -2.31 4.91
C ILE A 154 13.60 -2.81 4.19
N LYS A 155 14.78 -2.77 4.80
CA LYS A 155 15.99 -3.28 4.10
C LYS A 155 15.79 -4.77 3.72
N ASN A 156 15.15 -5.56 4.59
CA ASN A 156 14.88 -7.01 4.35
C ASN A 156 13.98 -7.18 3.12
N PHE A 157 12.86 -6.46 3.08
CA PHE A 157 12.01 -6.26 1.88
C PHE A 157 12.87 -6.04 0.63
N MET A 158 13.87 -5.15 0.68
CA MET A 158 14.69 -4.80 -0.51
C MET A 158 15.66 -5.93 -0.89
N GLU A 159 15.96 -6.89 0.00
CA GLU A 159 17.03 -7.91 -0.18
C GLU A 159 16.70 -8.87 -1.33
N ALA A 160 15.47 -9.34 -1.43
CA ALA A 160 15.06 -10.52 -2.23
C ALA A 160 15.28 -10.27 -3.73
N GLY A 161 15.25 -9.01 -4.17
CA GLY A 161 15.76 -8.59 -5.49
C GLY A 161 17.08 -7.85 -5.30
N GLY A 162 17.01 -6.55 -5.01
CA GLY A 162 18.13 -5.69 -4.57
C GLY A 162 19.48 -6.15 -5.09
N GLU A 163 20.42 -6.46 -4.18
CA GLU A 163 21.77 -6.97 -4.50
C GLU A 163 22.51 -5.92 -5.35
N ASN A 164 22.18 -5.78 -6.65
CA ASN A 164 22.63 -4.67 -7.51
C ASN A 164 22.43 -3.36 -6.73
N ARG A 165 23.49 -2.86 -6.09
CA ARG A 165 23.46 -1.69 -5.17
C ARG A 165 22.51 -0.62 -5.72
N ASP A 166 22.68 -0.22 -6.98
CA ASP A 166 22.04 0.99 -7.53
C ASP A 166 20.89 0.64 -8.49
N LYS A 167 20.33 -0.56 -8.40
CA LYS A 167 18.95 -0.84 -8.87
C LYS A 167 17.98 -0.60 -7.69
N THR A 168 18.43 -0.90 -6.48
CA THR A 168 17.78 -0.53 -5.20
C THR A 168 17.59 1.00 -5.14
N LYS A 169 18.62 1.77 -5.44
CA LYS A 169 18.51 3.25 -5.44
C LYS A 169 17.37 3.66 -6.39
N GLN A 170 17.35 3.13 -7.62
CA GLN A 170 16.36 3.49 -8.67
C GLN A 170 14.95 3.15 -8.16
N VAL A 171 14.79 2.01 -7.48
CA VAL A 171 13.49 1.58 -6.91
C VAL A 171 13.11 2.54 -5.79
N LEU A 172 14.01 2.80 -4.86
CA LEU A 172 13.72 3.73 -3.73
C LEU A 172 13.34 5.10 -4.32
N LEU A 173 14.16 5.62 -5.23
CA LEU A 173 13.94 6.96 -5.81
C LEU A 173 12.58 7.03 -6.53
N LYS A 174 12.19 6.01 -7.32
CA LYS A 174 10.88 6.00 -8.00
C LYS A 174 9.75 5.96 -6.95
N TRP A 175 9.93 5.23 -5.86
CA TRP A 175 8.91 5.20 -4.78
C TRP A 175 8.81 6.59 -4.17
N ILE A 176 9.99 7.18 -3.85
CA ILE A 176 10.07 8.56 -3.28
C ILE A 176 9.37 9.53 -4.23
N MET A 177 9.65 9.45 -5.52
CA MET A 177 9.01 10.35 -6.50
C MET A 177 7.48 10.31 -6.35
N LYS A 178 6.88 9.13 -6.29
CA LYS A 178 5.40 8.97 -6.25
C LYS A 178 4.86 9.32 -4.87
N LEU A 179 5.51 8.91 -3.78
CA LEU A 179 4.98 9.19 -2.41
C LEU A 179 5.01 10.70 -2.17
N SER A 180 6.01 11.36 -2.73
CA SER A 180 6.15 12.84 -2.72
C SER A 180 4.92 13.52 -3.33
N GLU A 181 4.59 13.16 -4.57
CA GLU A 181 3.40 13.68 -5.25
C GLU A 181 2.18 13.37 -4.39
N LEU A 182 2.11 12.18 -3.77
CA LEU A 182 0.94 11.74 -3.00
C LEU A 182 0.80 12.61 -1.75
N ALA A 183 1.89 12.77 -0.99
CA ALA A 183 1.90 13.61 0.23
C ALA A 183 1.45 15.03 -0.13
N ASN A 184 2.07 15.63 -1.14
CA ASN A 184 1.62 16.93 -1.72
C ASN A 184 0.11 16.88 -2.05
N ASP A 185 -0.39 15.91 -2.83
CA ASP A 185 -1.81 15.90 -3.28
C ASP A 185 -2.76 15.72 -2.09
N LEU A 186 -2.39 14.95 -1.06
CA LEU A 186 -3.22 14.73 0.15
C LEU A 186 -3.67 16.06 0.81
N PHE A 187 -2.91 17.15 0.70
CA PHE A 187 -3.21 18.43 1.38
C PHE A 187 -4.58 18.97 0.92
N GLU A 188 -4.96 18.69 -0.33
CA GLU A 188 -6.16 19.26 -1.00
C GLU A 188 -7.30 18.22 -1.02
N ILE A 189 -7.26 17.21 -0.15
CA ILE A 189 -8.25 16.09 -0.13
C ILE A 189 -8.83 15.92 1.27
N ASN A 190 -10.14 16.17 1.37
CA ASN A 190 -10.95 16.18 2.62
C ASN A 190 -11.55 14.80 2.88
N LEU A 191 -10.68 13.84 3.19
CA LEU A 191 -11.02 12.47 3.57
C LEU A 191 -10.12 12.11 4.75
N LYS A 192 -10.66 11.36 5.71
CA LYS A 192 -9.86 10.72 6.77
C LYS A 192 -9.58 9.32 6.25
N PHE A 193 -8.31 9.01 5.94
CA PHE A 193 -7.91 7.75 5.28
C PHE A 193 -7.69 6.68 6.36
N ASP A 194 -8.70 6.46 7.21
CA ASP A 194 -8.66 5.45 8.31
C ASP A 194 -8.42 4.08 7.68
N GLY A 195 -7.34 3.44 8.11
CA GLY A 195 -7.05 2.03 7.81
C GLY A 195 -6.53 1.81 6.40
N VAL A 196 -6.15 2.85 5.62
CA VAL A 196 -5.67 2.59 4.23
C VAL A 196 -4.22 2.13 4.32
N SER A 197 -3.78 1.40 3.30
CA SER A 197 -2.41 0.89 3.17
C SER A 197 -1.77 1.41 1.89
N LEU A 198 -0.45 1.46 1.89
CA LEU A 198 0.46 1.55 0.72
C LEU A 198 0.88 0.13 0.38
N ILE A 199 0.76 -0.25 -0.88
CA ILE A 199 1.29 -1.52 -1.45
C ILE A 199 2.54 -1.17 -2.25
N PHE A 200 3.72 -1.48 -1.72
CA PHE A 200 5.00 -1.27 -2.44
C PHE A 200 5.28 -2.54 -3.23
N ILE A 201 5.56 -2.43 -4.52
CA ILE A 201 5.97 -3.59 -5.38
C ILE A 201 7.27 -3.26 -6.11
N TYR A 202 8.11 -4.27 -6.32
CA TYR A 202 9.25 -4.18 -7.26
C TYR A 202 9.49 -5.58 -7.80
N ASP A 203 10.14 -5.74 -8.95
CA ASP A 203 10.34 -7.06 -9.57
C ASP A 203 11.70 -7.59 -9.10
N ASP A 204 11.83 -8.92 -8.98
CA ASP A 204 13.06 -9.69 -8.59
C ASP A 204 14.30 -9.18 -9.31
N ASP A 205 14.22 -9.02 -10.65
CA ASP A 205 15.26 -8.44 -11.53
C ASP A 205 15.06 -6.91 -11.57
N CYS A 206 15.48 -6.24 -10.48
CA CYS A 206 15.11 -4.86 -10.03
C CYS A 206 14.76 -3.91 -11.20
N SER A 207 13.90 -4.29 -12.15
CA SER A 207 13.46 -3.34 -13.21
C SER A 207 12.37 -2.43 -12.62
N LYS A 208 11.10 -2.70 -12.92
CA LYS A 208 10.01 -1.75 -12.60
C LYS A 208 9.54 -1.93 -11.14
N CYS A 209 8.84 -0.92 -10.64
CA CYS A 209 8.34 -0.89 -9.26
C CYS A 209 7.17 0.07 -9.20
N ASP A 210 6.44 0.07 -8.10
CA ASP A 210 5.30 0.99 -7.93
C ASP A 210 4.83 0.91 -6.48
N VAL A 211 4.04 1.93 -6.13
CA VAL A 211 3.40 2.03 -4.80
C VAL A 211 2.01 2.59 -5.07
N ASN A 212 0.98 1.98 -4.48
CA ASN A 212 -0.42 2.43 -4.66
C ASN A 212 -1.14 2.42 -3.31
N VAL A 213 -2.21 3.20 -3.18
CA VAL A 213 -3.09 3.25 -1.99
C VAL A 213 -4.23 2.26 -2.18
N VAL A 214 -4.46 1.44 -1.15
CA VAL A 214 -5.53 0.41 -1.17
C VAL A 214 -6.27 0.44 0.17
N ASP A 215 -7.49 -0.11 0.15
CA ASP A 215 -8.34 -0.44 1.31
C ASP A 215 -9.07 0.80 1.78
N PHE A 216 -10.26 1.04 1.26
CA PHE A 216 -11.05 2.26 1.55
C PHE A 216 -12.24 1.94 2.46
N SER A 217 -12.19 0.79 3.15
CA SER A 217 -13.36 0.19 3.84
C SER A 217 -13.77 1.02 5.06
N ARG A 218 -12.84 1.72 5.72
CA ARG A 218 -13.14 2.62 6.87
C ARG A 218 -12.82 4.09 6.54
N VAL A 219 -12.76 4.48 5.27
CA VAL A 219 -12.46 5.90 4.91
C VAL A 219 -13.75 6.73 5.08
N LYS A 220 -13.61 7.97 5.55
CA LYS A 220 -14.71 8.88 5.99
C LYS A 220 -14.57 10.25 5.33
N LEU A 221 -15.67 10.99 5.23
CA LEU A 221 -15.63 12.42 4.80
C LEU A 221 -15.30 13.28 6.01
N ILE A 222 -14.50 14.33 5.82
CA ILE A 222 -14.25 15.37 6.87
C ILE A 222 -14.15 16.73 6.14
N ASP A 223 -13.90 17.81 6.88
CA ASP A 223 -13.89 19.19 6.32
C ASP A 223 -12.45 19.72 6.29
N THR A 224 -11.48 18.91 6.70
CA THR A 224 -10.02 19.20 6.63
C THR A 224 -9.32 18.08 5.86
N ASN A 225 -7.99 18.17 5.75
CA ASN A 225 -7.13 17.07 5.25
C ASN A 225 -6.83 16.15 6.43
N ASP A 226 -6.12 15.04 6.16
CA ASP A 226 -5.75 14.02 7.16
C ASP A 226 -4.27 14.19 7.47
N GLN A 227 -3.94 14.96 8.52
CA GLN A 227 -2.53 15.31 8.87
C GLN A 227 -1.82 14.04 9.37
N MET A 228 -2.57 13.15 9.99
CA MET A 228 -2.03 11.85 10.47
C MET A 228 -1.48 11.06 9.26
N THR A 229 -2.27 10.86 8.22
CA THR A 229 -1.90 10.10 7.00
C THR A 229 -0.75 10.81 6.27
N ILE A 230 -0.81 12.13 6.14
CA ILE A 230 0.31 12.94 5.58
C ILE A 230 1.62 12.67 6.35
N SER A 231 1.60 12.69 7.68
CA SER A 231 2.80 12.41 8.52
C SER A 231 3.31 10.99 8.28
N ALA A 232 2.43 10.02 8.14
CA ALA A 232 2.83 8.64 7.76
C ALA A 232 3.71 8.68 6.48
N VAL A 233 3.24 9.39 5.44
CA VAL A 233 3.84 9.37 4.08
C VAL A 233 5.15 10.14 4.16
N THR A 234 5.14 11.34 4.75
CA THR A 234 6.37 12.18 4.86
C THR A 234 7.43 11.37 5.59
N ASN A 235 7.06 10.63 6.65
CA ASN A 235 7.98 9.81 7.47
C ASN A 235 8.56 8.67 6.62
N LEU A 236 7.72 7.99 5.83
CA LEU A 236 8.19 6.93 4.91
C LEU A 236 9.17 7.57 3.92
N ILE A 237 8.86 8.78 3.45
CA ILE A 237 9.70 9.48 2.44
C ILE A 237 11.07 9.72 3.07
N LYS A 238 11.08 10.21 4.30
CA LYS A 238 12.29 10.41 5.12
C LYS A 238 13.09 9.11 5.18
N ILE A 239 12.45 8.01 5.58
CA ILE A 239 13.15 6.71 5.78
C ILE A 239 13.72 6.27 4.44
N LEU A 240 12.91 6.27 3.37
CA LEU A 240 13.35 5.84 2.02
C LEU A 240 14.48 6.74 1.50
N SER A 241 14.42 8.06 1.70
CA SER A 241 15.50 8.99 1.28
C SER A 241 16.81 8.63 1.98
N GLU A 242 16.76 8.38 3.29
CA GLU A 242 17.94 7.95 4.09
C GLU A 242 18.52 6.69 3.44
N LEU A 243 17.71 5.70 3.06
CA LEU A 243 18.27 4.48 2.43
C LEU A 243 18.85 4.80 1.05
N ALA A 244 18.19 5.63 0.24
CA ALA A 244 18.68 5.95 -1.13
C ALA A 244 20.01 6.70 -1.02
N ASP A 245 20.22 7.54 0.01
CA ASP A 245 21.49 8.31 0.16
C ASP A 245 22.57 7.42 0.78
N ASN A 246 22.20 6.42 1.58
CA ASN A 246 23.17 5.56 2.33
C ASN A 246 24.27 5.08 1.38
N PRO A 247 25.56 5.33 1.75
CA PRO A 247 26.70 4.63 1.17
C PRO A 247 27.22 3.53 2.12
#